data_7O00
#
_entry.id   7O00
#
_cell.length_a   76.230
_cell.length_b   76.230
_cell.length_c   170.660
_cell.angle_alpha   90.000
_cell.angle_beta   90.000
_cell.angle_gamma   90.000
#
_symmetry.space_group_name_H-M   'P 43 2 2'
#
loop_
_entity.id
_entity.type
_entity.pdbx_description
1 polymer 'HLA class II histocompatibility antigen, DR alpha chain'
2 polymer 'HLA class II histocompatibility antigen DR beta chain'
3 polymer 'Chaperone protein DnaK'
4 branched 2-acetamido-2-deoxy-beta-D-glucopyranose-(1-4)-2-acetamido-2-deoxy-beta-D-glucopyranose
5 non-polymer 2-acetamido-2-deoxy-beta-D-glucopyranose
6 water water
#
loop_
_entity_poly.entity_id
_entity_poly.type
_entity_poly.pdbx_seq_one_letter_code
_entity_poly.pdbx_strand_id
1 'polypeptide(L)'
;EHVIIQAEFYLNPDQSGEFMFDFDGDEIFHVDMAKKETVWRLEEFGRFASFEAQGALANIAVDKANLEIMTKRSNYTPIT
NVPPEVTVLTNSPVELREPNVLICFIDKFTPPVVNVTWLRNGKPVTTGVSETVFLPREDHLFRKFHYLPFLPSTEDVYDC
RVEHWGLDEPLLKHWEF
;
AAA
2 'polypeptide(L)'
;DTRPRFLEQVKHECHFFNGTERVRFLDRYFYHQEEYVRFDSDVGEYRAVTELGRPDAEYWNSQKDLLEQKRAAVDTYCRH
NYGVGESFTVQRRVYPEVTVYPAKTQPLQHHNLLVCSVNGFYPGSIEVRWFRNGQEEKTGVVSTGLIQNGDWTFQTLVML
ETVPRSGEVYTCQVEHPSLTSPLTVEWRA
;
BBB
3 'polypeptide(L)' RKPFQSVIADTGIS CCC
#
# COMPACT_ATOMS: atom_id res chain seq x y z
N GLU A 1 7.60 9.86 -11.43
CA GLU A 1 6.38 9.49 -12.19
C GLU A 1 5.84 8.14 -11.68
N HIS A 2 6.64 7.07 -11.62
CA HIS A 2 6.17 5.78 -11.05
C HIS A 2 7.30 5.09 -10.27
N VAL A 3 6.92 4.32 -9.28
CA VAL A 3 7.83 3.48 -8.46
C VAL A 3 7.26 2.07 -8.45
N ILE A 4 8.07 1.08 -8.83
CA ILE A 4 7.84 -0.37 -8.59
C ILE A 4 8.81 -0.81 -7.48
N ILE A 5 8.29 -1.46 -6.46
CA ILE A 5 9.04 -1.94 -5.27
C ILE A 5 8.71 -3.41 -5.07
N GLN A 6 9.74 -4.24 -5.16
CA GLN A 6 9.75 -5.62 -4.64
C GLN A 6 10.13 -5.49 -3.17
N ALA A 7 9.22 -5.77 -2.25
CA ALA A 7 9.41 -5.59 -0.80
C ALA A 7 9.28 -6.96 -0.15
N GLU A 8 10.16 -7.29 0.76
CA GLU A 8 10.16 -8.59 1.46
C GLU A 8 10.42 -8.26 2.93
N PHE A 9 9.94 -9.08 3.84
CA PHE A 9 10.39 -9.03 5.24
C PHE A 9 10.48 -10.46 5.77
N TYR A 10 11.21 -10.60 6.87
CA TYR A 10 11.25 -11.80 7.73
C TYR A 10 11.23 -11.32 9.17
N LEU A 11 10.48 -12.02 10.03
CA LEU A 11 10.29 -11.64 11.45
C LEU A 11 10.54 -12.85 12.34
N ASN A 12 11.48 -12.73 13.27
CA ASN A 12 11.70 -13.66 14.41
C ASN A 12 11.05 -13.10 15.68
N PRO A 13 10.62 -13.94 16.65
CA PRO A 13 10.72 -15.39 16.53
C PRO A 13 9.55 -16.05 15.77
N ASP A 14 8.65 -15.26 15.18
CA ASP A 14 7.40 -15.75 14.51
C ASP A 14 7.77 -16.61 13.28
N GLN A 15 8.93 -16.35 12.67
CA GLN A 15 9.34 -16.99 11.41
C GLN A 15 8.30 -16.73 10.33
N SER A 16 7.64 -15.56 10.37
CA SER A 16 6.71 -15.06 9.31
C SER A 16 7.50 -14.29 8.25
N GLY A 17 7.21 -14.56 6.99
CA GLY A 17 7.86 -13.88 5.88
C GLY A 17 6.81 -13.31 4.97
N GLU A 18 7.20 -12.46 4.05
CA GLU A 18 6.32 -11.98 3.00
C GLU A 18 7.15 -11.49 1.84
N PHE A 19 6.61 -11.65 0.64
CA PHE A 19 7.23 -11.28 -0.64
C PHE A 19 6.15 -10.67 -1.52
N MET A 20 6.35 -9.43 -1.97
CA MET A 20 5.28 -8.72 -2.70
C MET A 20 5.85 -7.61 -3.59
N PHE A 21 5.12 -7.33 -4.64
CA PHE A 21 5.40 -6.26 -5.62
C PHE A 21 4.35 -5.17 -5.49
N ASP A 22 4.79 -3.91 -5.43
CA ASP A 22 3.98 -2.68 -5.24
C ASP A 22 4.26 -1.77 -6.42
N PHE A 23 3.22 -1.21 -7.02
CA PHE A 23 3.30 -0.13 -8.03
C PHE A 23 2.59 1.10 -7.47
N ASP A 24 3.33 2.19 -7.15
CA ASP A 24 2.72 3.46 -6.68
C ASP A 24 1.77 3.13 -5.51
N GLY A 25 2.18 2.26 -4.59
CA GLY A 25 1.46 2.03 -3.32
C GLY A 25 0.37 0.98 -3.41
N ASP A 26 0.05 0.48 -4.61
CA ASP A 26 -0.90 -0.63 -4.82
C ASP A 26 -0.11 -1.93 -5.02
N GLU A 27 -0.60 -3.04 -4.45
CA GLU A 27 -0.01 -4.38 -4.58
C GLU A 27 -0.27 -4.94 -5.98
N ILE A 28 0.77 -5.40 -6.70
CA ILE A 28 0.56 -6.13 -7.98
C ILE A 28 0.27 -7.59 -7.63
N PHE A 29 1.07 -8.17 -6.74
CA PHE A 29 0.92 -9.57 -6.30
C PHE A 29 1.77 -9.81 -5.06
N HIS A 30 1.45 -10.87 -4.33
CA HIS A 30 2.32 -11.45 -3.29
C HIS A 30 2.45 -12.95 -3.59
N VAL A 31 3.41 -13.61 -2.97
CA VAL A 31 3.58 -15.08 -3.09
C VAL A 31 3.04 -15.70 -1.81
N ASP A 32 2.13 -16.65 -1.96
CA ASP A 32 1.74 -17.53 -0.84
C ASP A 32 2.85 -18.56 -0.70
N MET A 33 3.63 -18.42 0.37
CA MET A 33 4.90 -19.17 0.53
C MET A 33 4.58 -20.64 0.79
N ALA A 34 3.53 -20.94 1.54
CA ALA A 34 2.98 -22.30 1.76
C ALA A 34 2.71 -23.01 0.42
N LYS A 35 1.76 -22.52 -0.36
CA LYS A 35 1.30 -23.15 -1.64
C LYS A 35 2.37 -23.00 -2.72
N LYS A 36 3.25 -22.00 -2.65
CA LYS A 36 4.21 -21.66 -3.74
C LYS A 36 3.43 -21.14 -4.95
N GLU A 37 2.50 -20.21 -4.74
CA GLU A 37 1.72 -19.68 -5.87
C GLU A 37 1.72 -18.14 -5.83
N THR A 38 1.69 -17.55 -7.01
CA THR A 38 1.55 -16.10 -7.23
C THR A 38 0.09 -15.74 -6.99
N VAL A 39 -0.21 -14.88 -6.02
CA VAL A 39 -1.61 -14.38 -5.78
C VAL A 39 -1.73 -12.95 -6.37
N TRP A 40 -2.44 -12.82 -7.49
CA TRP A 40 -2.61 -11.52 -8.21
C TRP A 40 -3.58 -10.66 -7.43
N ARG A 41 -3.27 -9.38 -7.24
CA ARG A 41 -4.16 -8.48 -6.49
C ARG A 41 -5.53 -8.38 -7.20
N LEU A 42 -5.52 -8.33 -8.52
CA LEU A 42 -6.72 -8.38 -9.39
C LEU A 42 -6.46 -9.56 -10.32
N GLU A 43 -7.33 -10.58 -10.25
CA GLU A 43 -7.61 -11.62 -11.28
C GLU A 43 -6.97 -11.25 -12.64
N GLU A 44 -7.33 -10.11 -13.21
CA GLU A 44 -6.95 -9.70 -14.59
C GLU A 44 -5.42 -9.61 -14.78
N PHE A 45 -4.62 -9.30 -13.76
CA PHE A 45 -3.14 -9.11 -13.87
C PHE A 45 -2.51 -10.42 -14.37
N GLY A 46 -3.08 -11.53 -13.91
CA GLY A 46 -2.65 -12.90 -14.24
C GLY A 46 -2.96 -13.29 -15.67
N ARG A 47 -3.66 -12.46 -16.44
CA ARG A 47 -3.85 -12.70 -17.88
C ARG A 47 -2.70 -12.09 -18.64
N PHE A 48 -1.93 -11.19 -18.02
CA PHE A 48 -0.92 -10.37 -18.75
C PHE A 48 0.50 -10.72 -18.30
N ALA A 49 0.66 -11.36 -17.15
CA ALA A 49 1.98 -11.51 -16.53
C ALA A 49 2.08 -12.84 -15.80
N SER A 50 3.30 -13.34 -15.59
CA SER A 50 3.55 -14.50 -14.73
C SER A 50 4.64 -14.15 -13.73
N PHE A 51 4.87 -15.04 -12.76
CA PHE A 51 5.98 -14.93 -11.78
C PHE A 51 6.46 -16.34 -11.39
N GLU A 52 7.76 -16.48 -11.11
CA GLU A 52 8.36 -17.70 -10.52
C GLU A 52 8.21 -17.64 -8.98
N ALA A 53 7.07 -18.10 -8.48
CA ALA A 53 6.69 -18.00 -7.05
C ALA A 53 7.62 -18.93 -6.23
N GLN A 54 8.04 -20.02 -6.85
CA GLN A 54 8.96 -21.04 -6.30
C GLN A 54 10.17 -20.30 -5.70
N GLY A 55 10.73 -19.32 -6.42
CA GLY A 55 11.99 -18.62 -6.07
C GLY A 55 11.86 -17.65 -4.90
N ALA A 56 10.65 -17.31 -4.48
CA ALA A 56 10.42 -16.37 -3.37
C ALA A 56 11.02 -16.95 -2.07
N LEU A 57 11.03 -18.26 -1.93
CA LEU A 57 11.50 -18.95 -0.69
C LEU A 57 13.01 -18.68 -0.53
N ALA A 58 13.80 -18.75 -1.61
CA ALA A 58 15.23 -18.39 -1.65
C ALA A 58 15.42 -16.97 -1.09
N ASN A 59 14.57 -16.01 -1.48
CA ASN A 59 14.72 -14.56 -1.13
C ASN A 59 14.54 -14.41 0.37
N ILE A 60 13.43 -14.94 0.88
CA ILE A 60 13.09 -15.00 2.33
C ILE A 60 14.20 -15.71 3.09
N ALA A 61 14.84 -16.72 2.52
CA ALA A 61 15.87 -17.50 3.24
C ALA A 61 17.11 -16.61 3.44
N VAL A 62 17.42 -15.75 2.47
CA VAL A 62 18.52 -14.74 2.56
C VAL A 62 18.15 -13.71 3.65
N ASP A 63 16.90 -13.24 3.67
CA ASP A 63 16.43 -12.23 4.67
C ASP A 63 16.58 -12.78 6.11
N LYS A 64 16.33 -14.08 6.31
CA LYS A 64 16.50 -14.77 7.60
C LYS A 64 17.97 -14.79 7.98
N ALA A 65 18.83 -15.12 7.01
CA ALA A 65 20.30 -15.17 7.20
C ALA A 65 20.74 -13.78 7.69
N ASN A 66 20.23 -12.75 7.04
CA ASN A 66 20.67 -11.36 7.25
C ASN A 66 20.18 -10.94 8.63
N LEU A 67 18.95 -11.34 8.99
CA LEU A 67 18.30 -10.99 10.28
C LEU A 67 19.15 -11.55 11.41
N GLU A 68 19.51 -12.83 11.31
CA GLU A 68 20.34 -13.51 12.34
C GLU A 68 21.62 -12.70 12.49
N ILE A 69 22.28 -12.29 11.40
CA ILE A 69 23.51 -11.45 11.44
C ILE A 69 23.22 -10.08 12.10
N MET A 70 22.19 -9.37 11.66
CA MET A 70 21.89 -8.00 12.17
C MET A 70 21.44 -8.08 13.64
N THR A 71 20.68 -9.11 14.01
CA THR A 71 20.26 -9.33 15.42
C THR A 71 21.52 -9.28 16.31
N LYS A 72 22.56 -10.08 16.02
CA LYS A 72 23.80 -10.09 16.86
C LYS A 72 24.45 -8.72 16.77
N ARG A 73 24.59 -8.19 15.56
CA ARG A 73 25.37 -6.95 15.28
C ARG A 73 24.75 -5.78 16.05
N SER A 74 23.43 -5.75 16.21
CA SER A 74 22.68 -4.69 16.92
C SER A 74 22.80 -4.88 18.44
N ASN A 75 23.29 -6.04 18.89
CA ASN A 75 23.34 -6.43 20.32
C ASN A 75 21.95 -6.92 20.78
N TYR A 76 21.18 -7.52 19.89
CA TYR A 76 19.83 -8.06 20.22
C TYR A 76 18.89 -6.91 20.64
N THR A 77 18.95 -5.79 19.90
CA THR A 77 18.05 -4.64 20.07
C THR A 77 16.71 -5.04 19.46
N PRO A 78 15.65 -5.25 20.27
CA PRO A 78 14.35 -5.62 19.73
C PRO A 78 13.57 -4.46 19.06
N ILE A 79 12.62 -4.80 18.21
CA ILE A 79 11.73 -3.80 17.57
C ILE A 79 10.89 -3.16 18.66
N THR A 80 10.61 -1.88 18.47
CA THR A 80 9.65 -1.09 19.29
C THR A 80 8.28 -1.16 18.63
N ASN A 81 7.31 -1.75 19.32
CA ASN A 81 5.88 -1.90 18.90
C ASN A 81 5.32 -0.51 18.56
N VAL A 82 4.67 -0.37 17.42
CA VAL A 82 4.00 0.88 16.99
C VAL A 82 2.57 0.50 16.64
N PRO A 83 1.59 0.91 17.48
CA PRO A 83 0.19 0.52 17.30
C PRO A 83 -0.44 1.20 16.11
N PRO A 84 -1.42 0.57 15.45
CA PRO A 84 -2.00 1.16 14.24
C PRO A 84 -3.01 2.31 14.43
N GLU A 85 -3.01 3.27 13.50
CA GLU A 85 -4.22 4.07 13.18
C GLU A 85 -5.21 3.15 12.45
N VAL A 86 -6.47 3.18 12.86
CA VAL A 86 -7.57 2.38 12.24
C VAL A 86 -8.70 3.32 11.84
N THR A 87 -9.18 3.15 10.61
CA THR A 87 -10.25 3.95 9.97
C THR A 87 -11.17 2.99 9.25
N VAL A 88 -12.45 3.29 9.28
CA VAL A 88 -13.51 2.48 8.63
C VAL A 88 -14.24 3.37 7.64
N LEU A 89 -14.29 2.98 6.38
CA LEU A 89 -15.13 3.70 5.40
C LEU A 89 -15.70 2.76 4.36
N THR A 90 -16.67 3.24 3.60
CA THR A 90 -17.34 2.44 2.55
C THR A 90 -16.62 2.71 1.24
N ASN A 91 -16.74 1.76 0.34
CA ASN A 91 -16.39 1.88 -1.09
C ASN A 91 -17.04 3.14 -1.71
N SER A 92 -18.32 3.35 -1.45
CA SER A 92 -19.16 4.38 -2.09
C SER A 92 -20.20 4.89 -1.10
N PRO A 93 -20.90 6.01 -1.43
CA PRO A 93 -22.02 6.47 -0.62
C PRO A 93 -23.06 5.37 -0.40
N VAL A 94 -23.48 5.24 0.85
CA VAL A 94 -24.39 4.15 1.28
C VAL A 94 -25.82 4.58 0.98
N GLU A 95 -26.54 3.75 0.22
CA GLU A 95 -28.01 3.79 -0.02
C GLU A 95 -28.61 2.49 0.54
N LEU A 96 -29.80 2.53 1.12
CA LEU A 96 -30.49 1.34 1.68
C LEU A 96 -30.72 0.30 0.56
N ARG A 97 -30.55 -0.99 0.90
CA ARG A 97 -30.75 -2.16 -0.02
C ARG A 97 -29.77 -2.15 -1.21
N GLU A 98 -28.83 -1.18 -1.28
CA GLU A 98 -27.78 -1.09 -2.34
C GLU A 98 -26.52 -1.73 -1.76
N PRO A 99 -26.17 -2.95 -2.22
CA PRO A 99 -25.00 -3.67 -1.70
C PRO A 99 -23.77 -2.75 -1.74
N ASN A 100 -22.86 -2.88 -0.79
CA ASN A 100 -21.68 -1.98 -0.68
C ASN A 100 -20.56 -2.76 0.01
N VAL A 101 -19.42 -2.13 0.22
CA VAL A 101 -18.24 -2.77 0.86
C VAL A 101 -17.75 -1.88 2.00
N LEU A 102 -17.65 -2.40 3.21
CA LEU A 102 -16.93 -1.71 4.31
C LEU A 102 -15.42 -1.99 4.17
N ILE A 103 -14.60 -0.95 4.23
CA ILE A 103 -13.14 -1.07 4.21
C ILE A 103 -12.64 -0.71 5.60
N CYS A 104 -11.82 -1.58 6.17
CA CYS A 104 -11.09 -1.30 7.42
C CYS A 104 -9.64 -1.04 7.05
N PHE A 105 -9.16 0.18 7.28
CA PHE A 105 -7.80 0.61 6.90
C PHE A 105 -6.97 0.61 8.19
N ILE A 106 -5.93 -0.21 8.24
CA ILE A 106 -5.03 -0.39 9.40
C ILE A 106 -3.67 0.14 8.98
N ASP A 107 -3.23 1.25 9.55
CA ASP A 107 -2.12 2.04 8.97
C ASP A 107 -1.02 2.24 10.03
N LYS A 108 0.23 2.42 9.58
CA LYS A 108 1.38 2.93 10.36
C LYS A 108 1.67 2.05 11.59
N PHE A 109 1.93 0.77 11.42
CA PHE A 109 2.16 -0.12 12.59
C PHE A 109 3.34 -1.04 12.28
N THR A 110 4.05 -1.47 13.32
CA THR A 110 4.99 -2.62 13.31
C THR A 110 5.01 -3.23 14.69
N PRO A 111 5.33 -4.53 14.85
CA PRO A 111 5.67 -5.41 13.72
C PRO A 111 4.46 -5.81 12.89
N PRO A 112 4.70 -6.43 11.70
CA PRO A 112 3.62 -6.85 10.80
C PRO A 112 2.94 -8.13 11.28
N VAL A 113 2.26 -8.05 12.42
CA VAL A 113 1.38 -9.11 12.99
C VAL A 113 0.14 -8.43 13.54
N VAL A 114 -1.05 -8.85 13.13
CA VAL A 114 -2.28 -8.08 13.47
C VAL A 114 -3.46 -9.05 13.42
N ASN A 115 -4.35 -9.00 14.40
CA ASN A 115 -5.66 -9.71 14.37
C ASN A 115 -6.72 -8.67 14.07
N VAL A 116 -7.45 -8.87 12.97
CA VAL A 116 -8.60 -8.06 12.48
C VAL A 116 -9.86 -8.93 12.41
N THR A 117 -10.95 -8.48 13.02
CA THR A 117 -12.27 -9.15 12.95
C THR A 117 -13.31 -8.11 12.53
N TRP A 118 -14.14 -8.45 11.57
CA TRP A 118 -15.40 -7.71 11.34
C TRP A 118 -16.40 -8.16 12.39
N LEU A 119 -16.97 -7.22 13.13
CA LEU A 119 -18.15 -7.44 14.01
C LEU A 119 -19.42 -6.82 13.40
N ARG A 120 -20.44 -7.63 13.16
CA ARG A 120 -21.83 -7.17 12.92
C ARG A 120 -22.62 -7.38 14.21
N ASN A 121 -23.17 -6.29 14.74
CA ASN A 121 -23.87 -6.21 16.05
C ASN A 121 -23.05 -6.95 17.09
N GLY A 122 -21.75 -6.71 17.10
CA GLY A 122 -20.83 -7.31 18.09
C GLY A 122 -20.51 -8.78 17.86
N LYS A 123 -20.99 -9.44 16.78
CA LYS A 123 -20.64 -10.86 16.49
C LYS A 123 -19.75 -10.95 15.25
N PRO A 124 -18.70 -11.82 15.27
CA PRO A 124 -17.78 -11.94 14.13
C PRO A 124 -18.50 -12.45 12.87
N VAL A 125 -18.31 -11.79 11.72
CA VAL A 125 -18.83 -12.22 10.38
C VAL A 125 -17.64 -12.52 9.45
N THR A 126 -17.72 -13.57 8.63
CA THR A 126 -16.65 -14.02 7.68
C THR A 126 -17.18 -14.18 6.24
N THR A 127 -18.47 -14.42 6.05
CA THR A 127 -19.07 -14.45 4.68
C THR A 127 -18.55 -13.26 3.87
N GLY A 128 -17.75 -13.53 2.84
CA GLY A 128 -17.39 -12.57 1.78
C GLY A 128 -16.22 -11.71 2.18
N VAL A 129 -15.69 -11.83 3.41
CA VAL A 129 -14.60 -10.92 3.87
C VAL A 129 -13.32 -11.29 3.12
N SER A 130 -12.51 -10.29 2.78
CA SER A 130 -11.15 -10.48 2.19
C SER A 130 -10.22 -9.49 2.86
N GLU A 131 -8.94 -9.74 2.74
CA GLU A 131 -7.91 -8.87 3.33
C GLU A 131 -6.70 -8.84 2.42
N THR A 132 -5.89 -7.80 2.49
CA THR A 132 -4.56 -7.75 1.85
C THR A 132 -3.50 -8.37 2.77
N VAL A 133 -2.30 -8.56 2.24
CA VAL A 133 -1.11 -8.89 3.08
C VAL A 133 -0.64 -7.57 3.68
N PHE A 134 0.44 -7.62 4.46
CA PHE A 134 1.07 -6.37 4.97
C PHE A 134 1.67 -5.63 3.78
N LEU A 135 1.45 -4.32 3.71
CA LEU A 135 1.89 -3.47 2.59
C LEU A 135 2.91 -2.51 3.15
N PRO A 136 3.99 -2.23 2.41
CA PRO A 136 5.06 -1.42 2.94
C PRO A 136 4.63 0.05 2.85
N ARG A 137 5.16 0.87 3.75
CA ARG A 137 5.07 2.34 3.69
C ARG A 137 6.46 2.94 3.51
N GLU A 138 6.51 4.14 2.96
CA GLU A 138 7.72 4.98 2.78
C GLU A 138 8.47 5.12 4.10
N ASP A 139 7.80 5.08 5.26
CA ASP A 139 8.50 5.17 6.57
C ASP A 139 8.85 3.76 7.09
N HIS A 140 8.61 2.69 6.33
CA HIS A 140 9.10 1.33 6.73
C HIS A 140 8.25 0.73 7.86
N LEU A 141 7.15 1.39 8.23
CA LEU A 141 5.99 0.79 8.95
C LEU A 141 5.12 0.04 7.93
N PHE A 142 4.03 -0.57 8.38
CA PHE A 142 3.11 -1.37 7.54
C PHE A 142 1.71 -0.78 7.49
N ARG A 143 0.96 -1.17 6.46
CA ARG A 143 -0.50 -0.87 6.33
C ARG A 143 -1.19 -2.09 5.74
N LYS A 144 -2.50 -2.18 5.91
CA LYS A 144 -3.26 -3.41 5.63
C LYS A 144 -4.73 -3.01 5.46
N PHE A 145 -5.46 -3.71 4.59
CA PHE A 145 -6.91 -3.52 4.35
C PHE A 145 -7.67 -4.81 4.61
N HIS A 146 -8.83 -4.72 5.26
CA HIS A 146 -9.88 -5.78 5.34
C HIS A 146 -11.16 -5.24 4.71
N TYR A 147 -11.90 -6.11 4.03
CA TYR A 147 -13.12 -5.77 3.24
C TYR A 147 -14.29 -6.63 3.70
N LEU A 148 -15.48 -6.03 3.88
CA LEU A 148 -16.73 -6.77 4.16
C LEU A 148 -17.81 -6.27 3.20
N PRO A 149 -18.14 -7.08 2.18
CA PRO A 149 -19.33 -6.80 1.37
C PRO A 149 -20.58 -6.91 2.25
N PHE A 150 -21.50 -5.94 2.18
CA PHE A 150 -22.72 -5.96 3.03
C PHE A 150 -23.91 -5.32 2.32
N LEU A 151 -25.08 -5.68 2.81
CA LEU A 151 -26.35 -5.05 2.41
C LEU A 151 -26.71 -4.02 3.47
N PRO A 152 -26.72 -2.69 3.17
CA PRO A 152 -27.06 -1.66 4.17
C PRO A 152 -28.47 -1.74 4.76
N SER A 153 -28.56 -1.66 6.09
CA SER A 153 -29.83 -1.76 6.86
C SER A 153 -29.76 -0.76 8.01
N THR A 154 -30.92 -0.32 8.49
CA THR A 154 -31.03 0.60 9.65
C THR A 154 -30.86 -0.18 10.95
N GLU A 155 -30.84 -1.52 10.90
CA GLU A 155 -30.92 -2.38 12.11
C GLU A 155 -29.58 -3.03 12.46
N ASP A 156 -28.51 -2.76 11.72
CA ASP A 156 -27.19 -3.38 11.98
C ASP A 156 -26.19 -2.27 12.26
N VAL A 157 -25.36 -2.43 13.29
CA VAL A 157 -24.10 -1.64 13.42
C VAL A 157 -22.89 -2.56 13.18
N TYR A 158 -21.77 -1.96 12.77
CA TYR A 158 -20.54 -2.69 12.43
C TYR A 158 -19.37 -2.11 13.23
N ASP A 159 -18.36 -2.98 13.50
CA ASP A 159 -17.07 -2.62 14.12
C ASP A 159 -15.98 -3.42 13.42
N CYS A 160 -14.82 -2.80 13.23
CA CYS A 160 -13.53 -3.44 12.90
C CYS A 160 -12.75 -3.55 14.20
N ARG A 161 -12.50 -4.77 14.69
CA ARG A 161 -11.72 -5.06 15.93
C ARG A 161 -10.27 -5.36 15.52
N VAL A 162 -9.30 -4.62 16.08
CA VAL A 162 -7.87 -4.73 15.70
C VAL A 162 -7.04 -5.00 16.95
N GLU A 163 -6.42 -6.18 17.00
CA GLU A 163 -5.43 -6.59 18.03
C GLU A 163 -4.02 -6.37 17.46
N HIS A 164 -3.19 -5.69 18.23
CA HIS A 164 -1.74 -5.49 17.97
C HIS A 164 -1.02 -5.34 19.32
N TRP A 165 0.22 -5.84 19.42
CA TRP A 165 1.09 -5.77 20.62
C TRP A 165 1.35 -4.31 21.06
N GLY A 166 1.29 -3.33 20.16
CA GLY A 166 1.40 -1.90 20.50
C GLY A 166 0.21 -1.34 21.28
N LEU A 167 -0.95 -2.02 21.29
CA LEU A 167 -2.21 -1.53 21.95
C LEU A 167 -2.41 -2.17 23.33
N ASP A 168 -2.87 -1.38 24.31
CA ASP A 168 -3.36 -1.86 25.63
C ASP A 168 -4.49 -2.87 25.43
N GLU A 169 -5.59 -2.42 24.82
CA GLU A 169 -6.86 -3.16 24.65
C GLU A 169 -7.05 -3.36 23.16
N PRO A 170 -7.86 -4.33 22.69
CA PRO A 170 -8.28 -4.35 21.29
C PRO A 170 -8.89 -2.98 20.92
N LEU A 171 -8.72 -2.54 19.67
CA LEU A 171 -9.16 -1.23 19.13
C LEU A 171 -10.39 -1.46 18.24
N LEU A 172 -11.53 -0.84 18.56
CA LEU A 172 -12.80 -1.00 17.79
C LEU A 172 -13.11 0.28 17.02
N LYS A 173 -13.31 0.17 15.70
CA LYS A 173 -13.76 1.30 14.87
C LYS A 173 -15.19 1.01 14.43
N HIS A 174 -16.08 1.94 14.79
CA HIS A 174 -17.55 1.83 14.62
C HIS A 174 -17.96 2.35 13.24
N TRP A 175 -18.96 1.72 12.64
CA TRP A 175 -19.70 2.29 11.48
C TRP A 175 -21.18 1.90 11.57
N GLU A 176 -22.08 2.79 11.17
CA GLU A 176 -23.51 2.49 11.03
C GLU A 176 -24.17 3.44 10.03
N PHE A 177 -25.22 2.98 9.36
CA PHE A 177 -26.18 3.79 8.59
C PHE A 177 -27.12 4.52 9.55
N ASP B 1 2.57 -12.96 25.23
CA ASP B 1 3.83 -13.36 24.55
C ASP B 1 4.95 -12.42 25.00
N THR B 2 5.77 -12.87 25.95
CA THR B 2 6.96 -12.14 26.44
C THR B 2 7.82 -11.71 25.24
N ARG B 3 8.13 -12.63 24.31
CA ARG B 3 9.37 -12.66 23.49
C ARG B 3 9.60 -11.36 22.72
N PRO B 4 10.86 -10.86 22.63
CA PRO B 4 11.19 -9.72 21.77
C PRO B 4 11.16 -10.07 20.27
N ARG B 5 10.87 -9.09 19.42
CA ARG B 5 10.77 -9.28 17.95
C ARG B 5 11.93 -8.62 17.21
N PHE B 6 12.27 -9.19 16.07
CA PHE B 6 13.39 -8.78 15.22
C PHE B 6 12.88 -8.92 13.80
N LEU B 7 13.08 -7.86 13.01
CA LEU B 7 12.51 -7.75 11.66
C LEU B 7 13.57 -7.25 10.68
N GLU B 8 13.75 -7.96 9.58
CA GLU B 8 14.59 -7.55 8.45
C GLU B 8 13.64 -7.22 7.31
N GLN B 9 13.84 -6.09 6.65
CA GLN B 9 13.13 -5.80 5.39
C GLN B 9 14.18 -5.64 4.31
N VAL B 10 13.77 -5.86 3.08
CA VAL B 10 14.53 -5.45 1.89
C VAL B 10 13.52 -4.87 0.91
N LYS B 11 13.85 -3.74 0.33
CA LYS B 11 13.03 -3.09 -0.72
C LYS B 11 13.93 -2.88 -1.93
N HIS B 12 13.53 -3.48 -3.04
CA HIS B 12 14.18 -3.25 -4.34
C HIS B 12 13.29 -2.25 -5.06
N GLU B 13 13.77 -1.02 -5.23
CA GLU B 13 12.92 0.11 -5.66
C GLU B 13 13.41 0.56 -7.05
N CYS B 14 12.50 0.59 -8.02
CA CYS B 14 12.71 1.14 -9.36
C CYS B 14 11.92 2.43 -9.51
N HIS B 15 12.61 3.55 -9.67
CA HIS B 15 12.03 4.89 -9.85
C HIS B 15 12.16 5.25 -11.33
N PHE B 16 11.05 5.62 -11.96
CA PHE B 16 10.95 5.94 -13.40
C PHE B 16 10.61 7.41 -13.56
N PHE B 17 11.34 8.11 -14.39
CA PHE B 17 11.08 9.53 -14.76
C PHE B 17 10.91 9.52 -16.29
N ASN B 18 9.73 9.88 -16.79
CA ASN B 18 9.38 9.92 -18.23
C ASN B 18 9.39 8.48 -18.78
N GLY B 19 8.60 7.60 -18.17
CA GLY B 19 8.62 6.16 -18.45
C GLY B 19 10.00 5.61 -18.13
N THR B 20 10.60 4.88 -19.08
CA THR B 20 11.93 4.21 -18.93
C THR B 20 13.07 5.10 -19.46
N GLU B 21 12.80 6.35 -19.84
CA GLU B 21 13.83 7.31 -20.33
C GLU B 21 14.87 7.51 -19.23
N ARG B 22 14.45 7.64 -17.97
CA ARG B 22 15.40 7.78 -16.86
C ARG B 22 14.95 6.85 -15.72
N VAL B 23 15.85 5.96 -15.30
CA VAL B 23 15.59 4.95 -14.24
C VAL B 23 16.68 5.04 -13.17
N ARG B 24 16.25 4.93 -11.92
CA ARG B 24 17.12 4.80 -10.73
C ARG B 24 16.69 3.52 -9.99
N PHE B 25 17.63 2.63 -9.73
CA PHE B 25 17.43 1.39 -8.94
C PHE B 25 18.06 1.60 -7.57
N LEU B 26 17.34 1.22 -6.53
CA LEU B 26 17.80 1.33 -5.12
C LEU B 26 17.53 -0.02 -4.44
N ASP B 27 18.59 -0.64 -3.91
CA ASP B 27 18.55 -1.90 -3.15
C ASP B 27 18.79 -1.50 -1.68
N ARG B 28 17.73 -1.55 -0.87
CA ARG B 28 17.67 -0.93 0.48
C ARG B 28 17.42 -2.02 1.52
N TYR B 29 18.22 -2.03 2.58
CA TYR B 29 18.24 -3.07 3.64
C TYR B 29 17.84 -2.40 4.96
N PHE B 30 16.92 -3.01 5.71
CA PHE B 30 16.30 -2.43 6.92
C PHE B 30 16.40 -3.42 8.07
N TYR B 31 16.78 -2.91 9.24
CA TYR B 31 16.69 -3.64 10.53
C TYR B 31 15.68 -2.87 11.39
N HIS B 32 14.57 -3.52 11.70
CA HIS B 32 13.25 -2.91 12.05
C HIS B 32 12.84 -1.91 10.95
N GLN B 33 12.93 -0.61 11.21
CA GLN B 33 12.52 0.46 10.26
C GLN B 33 13.76 1.30 9.89
N GLU B 34 14.97 0.84 10.23
CA GLU B 34 16.22 1.62 10.10
C GLU B 34 17.02 1.08 8.92
N GLU B 35 17.06 1.83 7.82
CA GLU B 35 17.93 1.57 6.64
C GLU B 35 19.41 1.59 7.09
N TYR B 36 20.13 0.50 6.86
CA TYR B 36 21.54 0.39 7.34
C TYR B 36 22.49 0.38 6.15
N VAL B 37 22.07 -0.16 5.00
CA VAL B 37 22.94 -0.14 3.82
C VAL B 37 22.05 -0.09 2.58
N ARG B 38 22.51 0.64 1.55
CA ARG B 38 21.84 0.74 0.25
C ARG B 38 22.82 0.72 -0.93
N PHE B 39 22.38 0.08 -2.00
CA PHE B 39 22.93 0.21 -3.37
C PHE B 39 22.05 1.21 -4.11
N ASP B 40 22.67 2.22 -4.72
CA ASP B 40 21.99 3.24 -5.57
C ASP B 40 22.68 3.24 -6.94
N SER B 41 21.92 3.03 -8.02
CA SER B 41 22.41 3.01 -9.43
C SER B 41 23.06 4.34 -9.85
N ASP B 42 22.72 5.47 -9.23
CA ASP B 42 23.40 6.76 -9.52
C ASP B 42 24.83 6.75 -8.96
N VAL B 43 25.10 5.91 -7.96
CA VAL B 43 26.44 5.80 -7.31
C VAL B 43 27.18 4.59 -7.90
N GLY B 44 26.49 3.47 -8.10
CA GLY B 44 27.04 2.26 -8.71
C GLY B 44 27.85 1.42 -7.75
N GLU B 45 27.71 1.63 -6.44
CA GLU B 45 28.21 0.70 -5.39
C GLU B 45 27.40 0.91 -4.12
N TYR B 46 27.55 0.01 -3.14
CA TYR B 46 26.91 0.11 -1.81
C TYR B 46 27.50 1.26 -0.98
N ARG B 47 26.66 1.82 -0.12
CA ARG B 47 27.06 2.81 0.90
C ARG B 47 26.33 2.44 2.21
N ALA B 48 27.06 2.41 3.34
CA ALA B 48 26.48 2.31 4.69
C ALA B 48 25.59 3.54 4.95
N VAL B 49 24.35 3.33 5.36
CA VAL B 49 23.41 4.42 5.73
C VAL B 49 23.53 4.69 7.24
N THR B 50 23.95 3.68 8.03
CA THR B 50 24.27 3.75 9.48
C THR B 50 25.50 2.89 9.79
N GLU B 51 26.07 3.07 10.98
CA GLU B 51 27.24 2.31 11.51
C GLU B 51 27.05 0.81 11.23
N LEU B 52 25.84 0.29 11.49
CA LEU B 52 25.51 -1.16 11.44
C LEU B 52 25.72 -1.72 10.03
N GLY B 53 25.74 -0.88 9.00
CA GLY B 53 25.83 -1.31 7.59
C GLY B 53 27.26 -1.26 7.06
N ARG B 54 28.24 -0.75 7.81
CA ARG B 54 29.66 -0.61 7.33
C ARG B 54 30.22 -1.96 6.87
N PRO B 55 30.17 -3.05 7.67
CA PRO B 55 30.75 -4.33 7.25
C PRO B 55 30.14 -4.85 5.95
N ASP B 56 28.82 -4.74 5.78
CA ASP B 56 28.10 -5.28 4.59
C ASP B 56 28.53 -4.46 3.36
N ALA B 57 28.64 -3.14 3.49
CA ALA B 57 29.07 -2.26 2.37
C ALA B 57 30.50 -2.61 1.93
N GLU B 58 31.44 -2.74 2.88
CA GLU B 58 32.84 -3.14 2.56
C GLU B 58 32.81 -4.48 1.85
N TYR B 59 32.21 -5.47 2.49
CA TYR B 59 32.15 -6.86 1.99
C TYR B 59 31.62 -6.86 0.56
N TRP B 60 30.46 -6.24 0.32
CA TRP B 60 29.73 -6.32 -0.98
C TRP B 60 30.47 -5.55 -2.08
N ASN B 61 31.10 -4.43 -1.72
CA ASN B 61 31.85 -3.56 -2.66
C ASN B 61 33.14 -4.24 -3.13
N SER B 62 33.67 -5.21 -2.38
CA SER B 62 34.89 -5.98 -2.76
C SER B 62 34.55 -7.07 -3.81
N GLN B 63 33.28 -7.40 -4.03
CA GLN B 63 32.87 -8.44 -5.02
C GLN B 63 32.43 -7.79 -6.34
N LYS B 64 33.38 -7.59 -7.24
CA LYS B 64 33.23 -6.79 -8.48
C LYS B 64 32.20 -7.42 -9.44
N ASP B 65 32.05 -8.74 -9.51
CA ASP B 65 30.99 -9.37 -10.34
C ASP B 65 29.62 -9.04 -9.74
N LEU B 66 29.50 -9.02 -8.40
CA LEU B 66 28.24 -8.63 -7.71
C LEU B 66 27.86 -7.20 -8.13
N LEU B 67 28.77 -6.24 -7.99
CA LEU B 67 28.54 -4.83 -8.43
C LEU B 67 28.25 -4.78 -9.92
N GLU B 68 28.98 -5.53 -10.76
CA GLU B 68 28.72 -5.55 -12.23
C GLU B 68 27.26 -5.92 -12.48
N GLN B 69 26.77 -6.98 -11.84
CA GLN B 69 25.38 -7.50 -11.97
C GLN B 69 24.36 -6.40 -11.56
N LYS B 70 24.55 -5.79 -10.38
CA LYS B 70 23.64 -4.78 -9.79
C LYS B 70 23.52 -3.55 -10.70
N ARG B 71 24.59 -3.16 -11.38
CA ARG B 71 24.61 -1.95 -12.26
C ARG B 71 23.84 -2.23 -13.56
N ALA B 72 23.67 -3.49 -13.96
CA ALA B 72 22.85 -3.86 -15.14
C ALA B 72 21.35 -3.86 -14.76
N ALA B 73 21.01 -3.76 -13.48
CA ALA B 73 19.62 -3.95 -12.98
C ALA B 73 18.67 -2.88 -13.54
N VAL B 74 19.13 -1.66 -13.85
CA VAL B 74 18.22 -0.63 -14.46
C VAL B 74 17.64 -1.18 -15.77
N ASP B 75 18.39 -2.01 -16.50
CA ASP B 75 17.94 -2.62 -17.78
C ASP B 75 17.28 -3.99 -17.54
N THR B 76 17.95 -4.94 -16.88
CA THR B 76 17.49 -6.35 -16.69
C THR B 76 16.35 -6.44 -15.68
N TYR B 77 16.18 -5.48 -14.77
CA TYR B 77 15.16 -5.59 -13.70
C TYR B 77 14.10 -4.49 -13.85
N CYS B 78 14.49 -3.23 -13.63
CA CYS B 78 13.60 -2.03 -13.72
C CYS B 78 12.93 -1.89 -15.10
N ARG B 79 13.69 -1.66 -16.16
CA ARG B 79 13.10 -1.52 -17.53
C ARG B 79 12.35 -2.81 -17.91
N HIS B 80 12.82 -4.01 -17.54
CA HIS B 80 12.09 -5.28 -17.85
C HIS B 80 10.69 -5.24 -17.21
N ASN B 81 10.57 -4.89 -15.94
CA ASN B 81 9.28 -4.99 -15.19
C ASN B 81 8.31 -3.85 -15.54
N TYR B 82 8.82 -2.65 -15.84
CA TYR B 82 8.01 -1.54 -16.39
C TYR B 82 7.34 -2.07 -17.65
N GLY B 83 8.10 -2.74 -18.50
CA GLY B 83 7.60 -3.25 -19.79
C GLY B 83 6.57 -4.35 -19.60
N VAL B 84 6.72 -5.20 -18.57
CA VAL B 84 5.74 -6.28 -18.22
C VAL B 84 4.41 -5.65 -17.80
N GLY B 85 4.45 -4.65 -16.91
CA GLY B 85 3.24 -4.16 -16.22
C GLY B 85 2.58 -2.95 -16.87
N GLU B 86 3.21 -2.34 -17.87
CA GLU B 86 2.81 -1.03 -18.42
C GLU B 86 1.30 -1.05 -18.73
N SER B 87 0.87 -2.02 -19.50
CA SER B 87 -0.46 -1.98 -20.14
C SER B 87 -1.58 -2.02 -19.07
N PHE B 88 -1.34 -2.52 -17.85
CA PHE B 88 -2.39 -2.68 -16.81
C PHE B 88 -2.05 -1.93 -15.52
N THR B 89 -1.05 -1.04 -15.54
CA THR B 89 -0.65 -0.28 -14.34
C THR B 89 -0.55 1.18 -14.75
N VAL B 90 0.53 1.51 -15.46
CA VAL B 90 0.79 2.85 -16.07
C VAL B 90 -0.41 3.29 -16.90
N GLN B 91 -1.05 2.39 -17.66
CA GLN B 91 -2.13 2.75 -18.61
C GLN B 91 -3.50 2.41 -18.02
N ARG B 92 -3.61 1.96 -16.77
CA ARG B 92 -4.95 1.72 -16.14
C ARG B 92 -5.73 3.04 -16.02
N ARG B 93 -6.96 3.08 -16.54
CA ARG B 93 -7.92 4.21 -16.37
C ARG B 93 -9.25 3.68 -15.85
N VAL B 94 -9.66 4.13 -14.67
CA VAL B 94 -10.99 3.80 -14.10
C VAL B 94 -11.69 5.12 -13.80
N TYR B 95 -12.88 5.31 -14.38
CA TYR B 95 -13.69 6.56 -14.34
C TYR B 95 -14.22 6.81 -12.93
N PRO B 96 -14.28 8.09 -12.46
CA PRO B 96 -14.91 8.41 -11.18
C PRO B 96 -16.43 8.29 -11.24
N GLU B 97 -17.04 7.82 -10.13
CA GLU B 97 -18.47 7.96 -9.79
C GLU B 97 -18.58 9.23 -8.93
N VAL B 98 -19.53 10.09 -9.25
CA VAL B 98 -19.75 11.38 -8.52
C VAL B 98 -21.19 11.40 -7.98
N THR B 99 -21.33 11.55 -6.67
CA THR B 99 -22.62 11.86 -5.99
C THR B 99 -22.44 13.18 -5.24
N VAL B 100 -23.55 13.89 -5.01
CA VAL B 100 -23.59 15.02 -4.08
C VAL B 100 -24.75 14.76 -3.13
N TYR B 101 -24.56 15.00 -1.84
CA TYR B 101 -25.60 14.84 -0.81
C TYR B 101 -25.29 15.79 0.34
N PRO B 102 -26.33 16.31 1.04
CA PRO B 102 -26.13 17.13 2.22
C PRO B 102 -25.78 16.26 3.43
N ALA B 103 -24.96 16.76 4.35
CA ALA B 103 -24.58 16.05 5.59
C ALA B 103 -24.67 17.00 6.80
N LYS B 104 -24.47 16.42 8.00
CA LYS B 104 -24.72 17.10 9.30
C LYS B 104 -23.36 17.51 9.91
N THR B 105 -23.16 18.83 10.06
CA THR B 105 -22.04 19.56 10.73
C THR B 105 -21.74 20.83 9.91
N ASN B 112 -24.09 22.91 8.26
CA ASN B 112 -24.56 21.97 7.20
C ASN B 112 -23.48 21.89 6.10
N LEU B 113 -23.29 20.66 5.60
CA LEU B 113 -22.26 20.28 4.61
C LEU B 113 -22.95 19.87 3.30
N LEU B 114 -22.40 20.29 2.17
CA LEU B 114 -22.56 19.61 0.87
C LEU B 114 -21.34 18.70 0.62
N VAL B 115 -21.55 17.39 0.64
CA VAL B 115 -20.52 16.38 0.32
C VAL B 115 -20.54 16.12 -1.20
N CYS B 116 -19.41 16.34 -1.87
CA CYS B 116 -19.15 15.83 -3.24
C CYS B 116 -18.28 14.60 -3.10
N SER B 117 -18.86 13.41 -3.30
CA SER B 117 -18.19 12.10 -3.14
C SER B 117 -17.72 11.64 -4.52
N VAL B 118 -16.42 11.43 -4.68
CA VAL B 118 -15.80 10.95 -5.95
C VAL B 118 -15.17 9.59 -5.66
N ASN B 119 -15.66 8.54 -6.31
CA ASN B 119 -15.40 7.12 -5.94
C ASN B 119 -14.89 6.29 -7.12
N GLY B 120 -14.03 5.33 -6.84
CA GLY B 120 -13.67 4.21 -7.73
C GLY B 120 -12.82 4.64 -8.90
N PHE B 121 -11.99 5.67 -8.77
CA PHE B 121 -11.21 6.17 -9.93
C PHE B 121 -9.76 5.69 -9.85
N TYR B 122 -9.11 5.63 -11.03
CA TYR B 122 -7.66 5.38 -11.20
C TYR B 122 -7.19 6.10 -12.45
N PRO B 123 -6.02 6.78 -12.45
CA PRO B 123 -5.16 6.93 -11.27
C PRO B 123 -5.60 7.95 -10.21
N GLY B 124 -4.70 8.21 -9.26
CA GLY B 124 -4.87 9.05 -8.07
C GLY B 124 -5.06 10.52 -8.35
N SER B 125 -4.56 11.05 -9.46
CA SER B 125 -4.57 12.52 -9.68
C SER B 125 -5.99 12.98 -10.11
N ILE B 126 -6.52 13.91 -9.35
CA ILE B 126 -7.93 14.37 -9.46
C ILE B 126 -7.98 15.81 -8.96
N GLU B 127 -8.77 16.67 -9.59
CA GLU B 127 -9.12 18.03 -9.08
C GLU B 127 -10.64 18.08 -8.87
N VAL B 128 -11.06 18.42 -7.65
CA VAL B 128 -12.49 18.61 -7.25
C VAL B 128 -12.67 20.06 -6.78
N ARG B 129 -13.57 20.79 -7.41
CA ARG B 129 -13.81 22.22 -7.12
C ARG B 129 -15.30 22.42 -6.83
N TRP B 130 -15.62 23.27 -5.85
CA TRP B 130 -16.99 23.69 -5.50
C TRP B 130 -17.27 25.07 -6.09
N PHE B 131 -18.50 25.22 -6.60
CA PHE B 131 -19.05 26.45 -7.24
C PHE B 131 -20.43 26.71 -6.65
N ARG B 132 -20.65 27.95 -6.21
CA ARG B 132 -21.96 28.43 -5.74
C ARG B 132 -22.42 29.50 -6.72
N ASN B 133 -23.62 29.33 -7.28
CA ASN B 133 -24.22 30.22 -8.31
C ASN B 133 -23.07 30.87 -9.06
N GLY B 134 -22.45 30.16 -9.99
CA GLY B 134 -21.42 30.71 -10.89
C GLY B 134 -20.00 30.61 -10.35
N GLN B 135 -19.66 31.29 -9.25
CA GLN B 135 -18.24 31.55 -8.86
C GLN B 135 -17.75 30.41 -7.99
N GLU B 136 -16.44 30.39 -7.68
CA GLU B 136 -15.70 29.27 -7.04
C GLU B 136 -15.44 29.54 -5.55
N GLU B 137 -15.72 28.56 -4.68
CA GLU B 137 -15.51 28.63 -3.21
C GLU B 137 -14.27 27.78 -2.86
N LYS B 138 -13.29 28.32 -2.12
CA LYS B 138 -12.08 27.60 -1.64
C LYS B 138 -12.01 27.55 -0.10
N THR B 139 -12.40 28.62 0.57
CA THR B 139 -12.06 28.86 1.99
C THR B 139 -13.08 28.16 2.91
N GLY B 140 -14.24 27.76 2.39
CA GLY B 140 -15.26 26.99 3.12
C GLY B 140 -15.24 25.51 2.76
N VAL B 141 -14.15 25.02 2.17
CA VAL B 141 -13.99 23.64 1.65
C VAL B 141 -13.01 22.85 2.53
N VAL B 142 -13.40 21.62 2.84
CA VAL B 142 -12.65 20.67 3.69
C VAL B 142 -12.78 19.31 3.00
N SER B 143 -11.72 18.52 3.03
CA SER B 143 -11.69 17.24 2.31
C SER B 143 -11.08 16.14 3.16
N THR B 144 -11.23 14.95 2.65
CA THR B 144 -10.76 13.66 3.15
C THR B 144 -9.28 13.54 2.77
N GLY B 145 -8.80 14.34 1.80
CA GLY B 145 -7.60 14.04 1.01
C GLY B 145 -7.88 12.85 0.09
N LEU B 146 -6.87 12.37 -0.64
CA LEU B 146 -6.97 11.20 -1.54
C LEU B 146 -6.99 9.99 -0.61
N ILE B 147 -7.90 9.04 -0.81
CA ILE B 147 -7.96 7.75 -0.07
C ILE B 147 -7.68 6.64 -1.07
N GLN B 148 -6.62 5.88 -0.82
CA GLN B 148 -6.30 4.63 -1.56
C GLN B 148 -7.19 3.53 -0.94
N ASN B 149 -8.05 2.85 -1.71
CA ASN B 149 -8.93 1.80 -1.17
C ASN B 149 -8.20 0.45 -1.07
N GLY B 150 -6.98 0.34 -1.63
CA GLY B 150 -6.12 -0.87 -1.55
C GLY B 150 -6.45 -1.90 -2.64
N ASP B 151 -7.28 -1.53 -3.61
CA ASP B 151 -7.85 -2.43 -4.64
C ASP B 151 -7.67 -1.78 -6.02
N TRP B 152 -6.67 -0.91 -6.16
CA TRP B 152 -6.39 -0.13 -7.40
C TRP B 152 -7.54 0.84 -7.75
N THR B 153 -8.02 1.53 -6.74
CA THR B 153 -9.18 2.43 -6.78
C THR B 153 -8.89 3.47 -5.69
N PHE B 154 -9.11 4.73 -5.99
CA PHE B 154 -9.13 5.83 -5.00
C PHE B 154 -10.58 6.30 -4.79
N GLN B 155 -10.72 7.13 -3.75
CA GLN B 155 -11.94 7.96 -3.51
C GLN B 155 -11.50 9.22 -2.78
N THR B 156 -12.34 10.25 -2.79
CA THR B 156 -12.18 11.49 -2.01
C THR B 156 -13.57 12.05 -1.69
N LEU B 157 -13.74 12.70 -0.55
CA LEU B 157 -14.97 13.46 -0.18
C LEU B 157 -14.57 14.92 -0.03
N VAL B 158 -15.11 15.79 -0.86
CA VAL B 158 -14.85 17.26 -0.86
C VAL B 158 -16.14 17.96 -0.43
N MET B 159 -16.10 18.56 0.75
CA MET B 159 -17.25 19.07 1.50
C MET B 159 -17.20 20.59 1.53
N LEU B 160 -18.34 21.21 1.26
CA LEU B 160 -18.52 22.67 1.34
C LEU B 160 -19.35 22.99 2.58
N GLU B 161 -18.76 23.71 3.55
CA GLU B 161 -19.44 24.28 4.73
C GLU B 161 -20.36 25.41 4.25
N THR B 162 -21.68 25.23 4.25
CA THR B 162 -22.62 26.15 3.55
C THR B 162 -24.02 26.12 4.18
N VAL B 163 -24.78 27.20 3.94
CA VAL B 163 -26.18 27.48 4.42
C VAL B 163 -27.18 27.26 3.27
N PRO B 164 -27.55 26.00 2.92
CA PRO B 164 -28.45 25.76 1.79
C PRO B 164 -29.93 25.89 2.19
N GLU B 168 -30.69 28.30 -4.02
CA GLU B 168 -29.43 28.44 -4.80
C GLU B 168 -29.11 27.14 -5.55
N VAL B 169 -28.08 27.22 -6.41
CA VAL B 169 -27.57 26.09 -7.25
C VAL B 169 -26.07 25.94 -6.97
N TYR B 170 -25.67 24.75 -6.52
CA TYR B 170 -24.26 24.38 -6.25
C TYR B 170 -23.79 23.38 -7.31
N THR B 171 -22.56 23.53 -7.78
CA THR B 171 -21.99 22.62 -8.80
C THR B 171 -20.63 22.08 -8.32
N CYS B 172 -20.48 20.77 -8.36
CA CYS B 172 -19.21 20.07 -8.10
C CYS B 172 -18.55 19.73 -9.44
N GLN B 173 -17.33 20.25 -9.67
CA GLN B 173 -16.57 20.00 -10.92
C GLN B 173 -15.43 19.02 -10.62
N VAL B 174 -15.35 17.94 -11.40
CA VAL B 174 -14.30 16.90 -11.28
C VAL B 174 -13.50 16.88 -12.58
N GLU B 175 -12.17 16.95 -12.46
CA GLU B 175 -11.21 16.76 -13.58
C GLU B 175 -10.34 15.54 -13.26
N HIS B 176 -10.34 14.54 -14.15
CA HIS B 176 -9.56 13.28 -14.04
C HIS B 176 -9.06 12.81 -15.41
N PRO B 177 -7.88 12.17 -15.48
CA PRO B 177 -7.31 11.76 -16.78
C PRO B 177 -8.25 10.90 -17.63
N SER B 178 -9.10 10.10 -17.00
CA SER B 178 -10.12 9.26 -17.71
C SER B 178 -11.19 10.10 -18.45
N LEU B 179 -11.30 11.41 -18.23
CA LEU B 179 -12.43 12.27 -18.73
C LEU B 179 -11.93 13.28 -19.77
N THR B 180 -12.47 13.27 -21.00
CA THR B 180 -12.03 14.18 -22.08
C THR B 180 -12.23 15.63 -21.63
N SER B 181 -13.21 15.88 -20.77
CA SER B 181 -13.56 17.23 -20.26
C SER B 181 -14.00 17.13 -18.81
N PRO B 182 -14.23 18.26 -18.12
CA PRO B 182 -14.68 18.23 -16.73
C PRO B 182 -16.09 17.61 -16.59
N LEU B 183 -16.29 16.82 -15.54
CA LEU B 183 -17.60 16.30 -15.07
C LEU B 183 -18.20 17.34 -14.10
N THR B 184 -19.36 17.92 -14.36
CA THR B 184 -19.93 18.93 -13.43
C THR B 184 -21.34 18.51 -13.05
N VAL B 185 -21.48 18.18 -11.77
CA VAL B 185 -22.73 17.71 -11.13
C VAL B 185 -23.40 18.93 -10.49
N GLU B 186 -24.72 19.06 -10.63
CA GLU B 186 -25.50 20.20 -10.09
C GLU B 186 -26.37 19.71 -8.93
N TRP B 187 -26.45 20.49 -7.86
CA TRP B 187 -27.37 20.25 -6.72
C TRP B 187 -28.14 21.53 -6.40
N ARG B 188 -29.46 21.49 -6.57
CA ARG B 188 -30.39 22.61 -6.25
C ARG B 188 -30.98 22.36 -4.85
N ALA B 189 -30.95 23.37 -3.98
CA ALA B 189 -31.51 23.36 -2.60
C ALA B 189 -32.95 22.80 -2.59
N ARG C 1 1.53 -13.65 -20.23
CA ARG C 1 2.37 -13.33 -21.43
C ARG C 1 3.83 -13.11 -20.99
N LYS C 2 4.12 -12.07 -20.23
CA LYS C 2 5.53 -11.69 -19.89
C LYS C 2 5.76 -11.88 -18.40
N PRO C 3 6.90 -12.46 -17.98
CA PRO C 3 7.14 -12.75 -16.58
C PRO C 3 7.75 -11.54 -15.88
N PHE C 4 7.34 -11.26 -14.65
CA PHE C 4 8.02 -10.31 -13.73
C PHE C 4 9.25 -11.04 -13.16
N GLN C 5 10.35 -10.31 -13.11
CA GLN C 5 11.70 -10.75 -12.68
C GLN C 5 11.86 -10.26 -11.25
N SER C 6 12.26 -11.10 -10.32
CA SER C 6 12.72 -10.65 -8.98
C SER C 6 14.24 -10.57 -8.96
N VAL C 7 14.81 -9.72 -8.09
CA VAL C 7 16.24 -9.69 -7.69
C VAL C 7 16.31 -10.26 -6.28
N ILE C 8 17.43 -10.84 -5.88
CA ILE C 8 17.54 -11.46 -4.53
C ILE C 8 18.41 -10.55 -3.66
N ALA C 9 18.10 -10.41 -2.38
CA ALA C 9 18.99 -9.72 -1.44
C ALA C 9 20.39 -10.37 -1.53
N ASP C 10 21.42 -9.56 -1.34
CA ASP C 10 22.79 -10.04 -1.02
C ASP C 10 22.83 -10.48 0.44
N THR C 11 23.58 -11.54 0.73
CA THR C 11 23.84 -12.07 2.09
C THR C 11 25.03 -11.34 2.71
N GLY C 12 24.86 -10.85 3.93
CA GLY C 12 25.88 -10.04 4.63
C GLY C 12 26.95 -10.93 5.25
N ILE C 13 27.92 -10.32 5.90
CA ILE C 13 29.11 -10.98 6.50
C ILE C 13 28.91 -11.14 8.00
N SER C 14 29.47 -12.19 8.59
CA SER C 14 29.56 -12.34 10.08
C SER C 14 30.99 -12.07 10.56
#